data_8AI7
#
_entry.id   8AI7
#
_cell.length_a   154.455
_cell.length_b   154.455
_cell.length_c   128.280
_cell.angle_alpha   90.000
_cell.angle_beta   90.000
_cell.angle_gamma   90.000
#
_symmetry.space_group_name_H-M   'I 4 2 2'
#
loop_
_entity.id
_entity.type
_entity.pdbx_description
1 polymer Cholinesterase
2 branched alpha-L-fucopyranose-(1-6)-2-acetamido-2-deoxy-beta-D-glucopyranose
3 branched 2-acetamido-2-deoxy-beta-D-glucopyranose-(1-4)-[alpha-L-fucopyranose-(1-6)]2-acetamido-2-deoxy-beta-D-glucopyranose
4 non-polymer 'SULFATE ION'
5 non-polymer 'CHLORIDE ION'
6 non-polymer 'SODIUM ION'
7 non-polymer 3-[[2-cycloheptylethyl(methyl)amino]methyl]-1~{H}-indol-7-ol
8 non-polymer 2-acetamido-2-deoxy-beta-D-glucopyranose
9 non-polymer GLYCEROL
10 water water
#
_entity_poly.entity_id   1
_entity_poly.type   'polypeptide(L)'
_entity_poly.pdbx_seq_one_letter_code
;EDDIIIATKNGKVRGMQLTVFGGTVTAFLGIPYAQPPLGRLRFKKPQSLTKWSDIWNATKYANSCCQNIDQSFPGFHGSE
MWNPNTDLSEDCLYLNVWIPAPKPKNATVLIWIYGGGFQTGTSSLHVYDGKFLARVERVIVVSMNYRVGALGFLALPGNP
EAPGNMGLFDQQLALQWVQKNIAAFGGNPKSVTLFGE(MKF)AGAASVSLHLLSPGSHSLFTRAILQSGSFNAPWAVTSL
YEARNRTLNLAKLTGCSRENETEIIKCLRNKDPQEILLNEAFVVPYGTPLSVNFGPTVDGDFLTDMPDILLELGQFKKTQ
ILVGVNKDEGTAFLVYGAPGFSKDNNSIITRKEFQEGLKIFFPGVSEFGKESILFHYTDWVDDQRPENYREALGDVVGDY
NFICPALEFTKKFSEWGNNAFFYYFEHRSSKLPWPEWMGVMHGYEIEFVFGLPLERRDQYTKAEEILSRSIVKRWANFAK
YGNPQETQNQSTSWPVFKSTEQKYLTLNTESTRIMTKLRAQQCRFWTSFFPKV
;
_entity_poly.pdbx_strand_id   F
#
loop_
_chem_comp.id
_chem_comp.type
_chem_comp.name
_chem_comp.formula
CL non-polymer 'CHLORIDE ION' 'Cl -1'
FUC L-saccharide, alpha linking alpha-L-fucopyranose 'C6 H12 O5'
GOL non-polymer GLYCEROL 'C3 H8 O3'
M8X non-polymer 3-[[2-cycloheptylethyl(methyl)amino]methyl]-1~{H}-indol-7-ol 'C19 H28 N2 O'
NA non-polymer 'SODIUM ION' 'Na 1'
NAG D-saccharide, beta linking 2-acetamido-2-deoxy-beta-D-glucopyranose 'C8 H15 N O6'
SO4 non-polymer 'SULFATE ION' 'O4 S -2'
#
# COMPACT_ATOMS: atom_id res chain seq x y z
N ILE A 4 11.81 -10.56 -28.03
CA ILE A 4 12.74 -9.99 -27.05
C ILE A 4 12.61 -8.47 -27.05
N ILE A 5 12.25 -7.89 -28.20
CA ILE A 5 12.24 -6.44 -28.40
C ILE A 5 10.81 -6.00 -28.71
N ILE A 6 10.35 -4.97 -28.01
CA ILE A 6 8.99 -4.46 -28.17
C ILE A 6 9.04 -2.98 -28.51
N ALA A 7 8.34 -2.59 -29.58
CA ALA A 7 8.24 -1.17 -29.93
C ALA A 7 7.15 -0.51 -29.08
N THR A 8 7.54 0.43 -28.22
CA THR A 8 6.56 1.25 -27.53
C THR A 8 6.43 2.59 -28.24
N LYS A 9 5.50 3.42 -27.77
CA LYS A 9 5.24 4.69 -28.45
C LYS A 9 6.36 5.71 -28.28
N ASN A 10 7.34 5.46 -27.41
CA ASN A 10 8.47 6.35 -27.25
C ASN A 10 9.79 5.75 -27.70
N GLY A 11 9.79 4.49 -28.12
CA GLY A 11 11.02 3.85 -28.55
C GLY A 11 10.98 2.37 -28.26
N LYS A 12 11.94 1.66 -28.84
CA LYS A 12 12.05 0.23 -28.66
C LYS A 12 12.68 -0.08 -27.31
N VAL A 13 12.17 -1.11 -26.64
CA VAL A 13 12.71 -1.58 -25.37
C VAL A 13 13.04 -3.06 -25.49
N ARG A 14 14.14 -3.46 -24.87
CA ARG A 14 14.61 -4.85 -24.87
C ARG A 14 14.37 -5.47 -23.51
N GLY A 15 13.72 -6.63 -23.49
CA GLY A 15 13.50 -7.38 -22.27
C GLY A 15 14.51 -8.50 -22.09
N MET A 16 14.20 -9.40 -21.16
CA MET A 16 15.08 -10.50 -20.84
C MET A 16 14.23 -11.71 -20.47
N GLN A 17 14.74 -12.90 -20.80
CA GLN A 17 14.00 -14.14 -20.59
C GLN A 17 14.29 -14.70 -19.19
N LEU A 18 13.23 -15.05 -18.48
CA LEU A 18 13.35 -15.71 -17.18
C LEU A 18 12.80 -17.12 -17.27
N THR A 19 13.44 -18.05 -16.58
CA THR A 19 12.92 -19.40 -16.44
C THR A 19 12.14 -19.48 -15.14
N VAL A 20 10.87 -19.86 -15.23
CA VAL A 20 9.99 -19.95 -14.07
C VAL A 20 9.22 -21.26 -14.18
N PHE A 21 9.41 -22.15 -13.20
CA PHE A 21 8.62 -23.36 -13.08
C PHE A 21 8.61 -24.15 -14.39
N GLY A 22 9.79 -24.32 -14.98
CA GLY A 22 9.89 -25.08 -16.21
C GLY A 22 9.28 -24.41 -17.43
N GLY A 23 9.00 -23.12 -17.35
CA GLY A 23 8.55 -22.34 -18.50
C GLY A 23 9.31 -21.02 -18.59
N THR A 24 8.75 -20.03 -19.26
CA THR A 24 9.47 -18.78 -19.50
C THR A 24 8.57 -17.58 -19.25
N VAL A 25 9.11 -16.57 -18.60
CA VAL A 25 8.49 -15.26 -18.50
C VAL A 25 9.44 -14.25 -19.12
N THR A 26 8.89 -13.30 -19.88
CA THR A 26 9.66 -12.19 -20.39
C THR A 26 9.47 -10.99 -19.47
N ALA A 27 10.58 -10.53 -18.88
CA ALA A 27 10.57 -9.40 -17.94
C ALA A 27 11.22 -8.19 -18.60
N PHE A 28 10.58 -7.04 -18.47
CA PHE A 28 11.14 -5.75 -18.87
C PHE A 28 11.25 -4.96 -17.58
N LEU A 29 12.46 -4.88 -17.04
CA LEU A 29 12.70 -4.23 -15.76
C LEU A 29 13.29 -2.84 -16.02
N GLY A 30 12.61 -1.82 -15.51
CA GLY A 30 13.18 -0.48 -15.55
C GLY A 30 12.92 0.29 -16.83
N ILE A 31 11.68 0.26 -17.30
CA ILE A 31 11.25 1.14 -18.40
C ILE A 31 10.94 2.52 -17.82
N PRO A 32 11.48 3.60 -18.37
CA PRO A 32 11.15 4.93 -17.88
C PRO A 32 9.77 5.36 -18.38
N TYR A 33 9.04 6.08 -17.53
CA TYR A 33 7.70 6.54 -17.91
C TYR A 33 7.49 8.04 -17.71
N ALA A 34 8.50 8.78 -17.27
CA ALA A 34 8.40 10.24 -17.17
C ALA A 34 9.80 10.84 -17.31
N GLN A 35 9.87 12.14 -17.54
CA GLN A 35 11.17 12.80 -17.41
C GLN A 35 11.63 12.71 -15.96
N PRO A 36 12.92 12.48 -15.73
CA PRO A 36 13.44 12.47 -14.36
C PRO A 36 13.13 13.80 -13.68
N PRO A 37 12.54 13.76 -12.48
CA PRO A 37 12.07 15.02 -11.86
C PRO A 37 13.17 15.69 -11.04
N LEU A 38 14.17 16.21 -11.76
CA LEU A 38 15.38 16.79 -11.21
C LEU A 38 15.44 18.28 -11.46
N GLY A 39 16.21 18.97 -10.63
CA GLY A 39 16.44 20.40 -10.84
C GLY A 39 15.17 21.19 -10.66
N ARG A 40 14.81 21.98 -11.67
CA ARG A 40 13.57 22.73 -11.64
C ARG A 40 12.34 21.84 -11.66
N LEU A 41 12.51 20.53 -11.91
CA LEU A 41 11.37 19.60 -11.94
C LEU A 41 11.10 18.96 -10.60
N ARG A 42 12.03 19.02 -9.66
CA ARG A 42 11.77 18.53 -8.32
C ARG A 42 10.53 19.20 -7.74
N PHE A 43 9.67 18.40 -7.12
CA PHE A 43 8.42 18.76 -6.46
C PHE A 43 7.29 19.02 -7.46
N LYS A 44 7.55 19.01 -8.77
CA LYS A 44 6.50 19.25 -9.74
C LYS A 44 5.82 17.94 -10.11
N LYS A 45 4.68 18.06 -10.79
CA LYS A 45 4.03 16.92 -11.37
C LYS A 45 4.95 16.28 -12.41
N PRO A 46 4.85 14.97 -12.61
CA PRO A 46 5.75 14.31 -13.57
C PRO A 46 5.48 14.82 -14.98
N GLN A 47 6.55 15.08 -15.71
CA GLN A 47 6.45 15.54 -17.09
C GLN A 47 6.62 14.38 -18.05
N SER A 48 5.93 14.48 -19.19
CA SER A 48 5.91 13.40 -20.16
C SER A 48 7.28 13.23 -20.81
N LEU A 49 7.50 12.06 -21.39
CA LEU A 49 8.83 11.61 -21.77
C LEU A 49 9.07 11.82 -23.25
N THR A 50 10.27 12.31 -23.57
CA THR A 50 10.68 12.54 -24.95
C THR A 50 11.10 11.24 -25.61
N LYS A 51 10.76 11.08 -26.88
CA LYS A 51 11.05 9.86 -27.61
C LYS A 51 12.56 9.61 -27.70
N TRP A 52 12.93 8.33 -27.70
CA TRP A 52 14.30 7.91 -27.96
C TRP A 52 14.35 7.01 -29.19
N SER A 53 15.52 6.95 -29.81
CA SER A 53 15.69 6.28 -31.10
C SER A 53 16.35 4.90 -31.00
N ASP A 54 17.13 4.65 -29.96
CA ASP A 54 17.85 3.40 -29.82
C ASP A 54 16.95 2.36 -29.14
N ILE A 55 17.54 1.27 -28.69
CA ILE A 55 16.84 0.23 -27.94
C ILE A 55 17.17 0.42 -26.47
N TRP A 56 16.17 0.84 -25.69
CA TRP A 56 16.35 0.92 -24.25
C TRP A 56 16.47 -0.48 -23.66
N ASN A 57 17.48 -0.67 -22.82
CA ASN A 57 17.75 -1.97 -22.22
C ASN A 57 17.05 -2.05 -20.87
N ALA A 58 15.94 -2.77 -20.83
CA ALA A 58 15.14 -2.94 -19.62
C ALA A 58 15.40 -4.32 -19.01
N THR A 59 16.63 -4.50 -18.53
CA THR A 59 17.13 -5.80 -18.11
C THR A 59 17.55 -5.81 -16.65
N LYS A 60 17.29 -4.73 -15.90
CA LYS A 60 17.55 -4.70 -14.48
C LYS A 60 16.66 -3.64 -13.86
N TYR A 61 16.26 -3.89 -12.62
CA TYR A 61 15.54 -2.90 -11.85
C TYR A 61 16.27 -1.56 -11.87
N ALA A 62 15.48 -0.49 -11.90
CA ALA A 62 16.03 0.86 -11.92
C ALA A 62 16.23 1.37 -10.50
N ASN A 63 16.79 2.58 -10.39
CA ASN A 63 16.86 3.29 -9.11
C ASN A 63 15.53 3.32 -8.40
N SER A 64 15.58 3.13 -7.08
CA SER A 64 14.43 3.41 -6.21
C SER A 64 14.42 4.90 -5.87
N CYS A 65 13.25 5.44 -5.52
CA CYS A 65 13.18 6.86 -5.20
C CYS A 65 13.82 7.15 -3.84
N CYS A 66 14.41 8.34 -3.71
CA CYS A 66 15.02 8.76 -2.45
C CYS A 66 14.05 8.54 -1.29
N GLN A 67 14.58 8.08 -0.17
CA GLN A 67 13.76 7.72 0.99
C GLN A 67 14.70 7.41 2.13
N ASN A 68 14.19 7.55 3.35
CA ASN A 68 14.93 7.15 4.54
C ASN A 68 14.71 5.66 4.78
N ILE A 69 15.72 4.99 5.24
CA ILE A 69 15.72 3.54 5.39
C ILE A 69 15.39 3.19 6.85
N ASP A 70 14.69 2.08 7.05
CA ASP A 70 14.50 1.54 8.40
C ASP A 70 15.83 0.98 8.92
N GLN A 71 16.39 1.62 9.96
CA GLN A 71 17.59 1.12 10.65
C GLN A 71 17.27 0.67 12.07
N SER A 72 16.01 0.36 12.37
CA SER A 72 15.68 -0.06 13.73
C SER A 72 16.20 -1.45 14.09
N PHE A 73 16.42 -2.35 13.12
CA PHE A 73 16.92 -3.70 13.41
C PHE A 73 17.97 -4.10 12.38
N PRO A 74 19.14 -3.48 12.42
CA PRO A 74 20.17 -3.80 11.42
C PRO A 74 20.45 -5.30 11.40
N GLY A 75 20.55 -5.87 10.20
CA GLY A 75 20.92 -7.25 10.02
C GLY A 75 19.77 -8.22 10.15
N PHE A 76 18.59 -7.75 10.51
CA PHE A 76 17.42 -8.59 10.73
C PHE A 76 16.59 -8.60 9.45
N HIS A 77 16.45 -9.78 8.84
CA HIS A 77 15.71 -9.86 7.58
C HIS A 77 14.27 -9.38 7.71
N GLY A 78 13.68 -9.54 8.90
CA GLY A 78 12.28 -9.16 9.06
C GLY A 78 12.01 -7.71 8.76
N SER A 79 12.97 -6.83 9.03
CA SER A 79 12.80 -5.43 8.64
C SER A 79 13.54 -5.09 7.37
N GLU A 80 14.74 -5.63 7.17
CA GLU A 80 15.52 -5.21 6.03
C GLU A 80 14.95 -5.70 4.69
N MET A 81 14.13 -6.76 4.68
CA MET A 81 13.48 -7.16 3.43
C MET A 81 12.57 -6.09 2.84
N TRP A 82 12.20 -5.06 3.61
CA TRP A 82 11.38 -3.96 3.09
C TRP A 82 12.20 -2.76 2.65
N ASN A 83 13.49 -2.71 3.00
CA ASN A 83 14.35 -1.61 2.60
C ASN A 83 14.67 -1.70 1.11
N PRO A 84 14.94 -0.57 0.45
CA PRO A 84 15.23 -0.59 -0.98
C PRO A 84 16.41 -1.49 -1.30
N ASN A 85 16.33 -2.15 -2.46
CA ASN A 85 17.40 -3.01 -2.94
C ASN A 85 18.02 -2.49 -4.24
N THR A 86 17.76 -1.24 -4.62
CA THR A 86 18.51 -0.58 -5.69
C THR A 86 18.94 0.79 -5.19
N ASP A 87 19.93 1.35 -5.89
CA ASP A 87 20.40 2.71 -5.61
C ASP A 87 19.23 3.67 -5.45
N LEU A 88 19.34 4.52 -4.45
CA LEU A 88 18.38 5.62 -4.28
C LEU A 88 18.77 6.75 -5.22
N SER A 89 17.78 7.38 -5.82
CA SER A 89 18.05 8.47 -6.74
C SER A 89 16.76 9.22 -7.00
N GLU A 90 16.88 10.52 -7.29
CA GLU A 90 15.71 11.26 -7.74
C GLU A 90 15.28 10.78 -9.11
N ASP A 91 16.23 10.28 -9.90
CA ASP A 91 15.95 9.66 -11.19
C ASP A 91 15.41 8.26 -10.92
N CYS A 92 14.10 8.18 -10.65
CA CYS A 92 13.51 6.91 -10.23
C CYS A 92 12.14 6.63 -10.87
N LEU A 93 11.70 7.40 -11.85
CA LEU A 93 10.36 7.22 -12.39
C LEU A 93 10.43 6.16 -13.49
N TYR A 94 10.38 4.90 -13.07
CA TYR A 94 10.50 3.74 -13.92
C TYR A 94 9.45 2.72 -13.50
N LEU A 95 9.13 1.81 -14.43
CA LEU A 95 8.18 0.75 -14.16
C LEU A 95 8.69 -0.58 -14.71
N ASN A 96 8.05 -1.68 -14.28
CA ASN A 96 8.40 -3.03 -14.68
C ASN A 96 7.20 -3.74 -15.31
N VAL A 97 7.50 -4.66 -16.22
CA VAL A 97 6.46 -5.41 -16.94
C VAL A 97 6.90 -6.88 -17.02
N TRP A 98 6.07 -7.78 -16.53
CA TRP A 98 6.26 -9.21 -16.73
C TRP A 98 5.16 -9.68 -17.66
N ILE A 99 5.54 -10.30 -18.78
CA ILE A 99 4.53 -10.85 -19.66
C ILE A 99 4.75 -12.35 -19.81
N PRO A 100 3.68 -13.12 -19.97
CA PRO A 100 3.81 -14.56 -20.20
C PRO A 100 4.56 -14.84 -21.49
N ALA A 101 5.22 -15.99 -21.52
CA ALA A 101 5.75 -16.54 -22.74
C ALA A 101 5.07 -17.87 -23.00
N PRO A 102 4.51 -18.11 -24.19
CA PRO A 102 4.61 -17.18 -25.33
C PRO A 102 3.75 -15.94 -25.15
N LYS A 103 4.12 -14.88 -25.86
CA LYS A 103 3.46 -13.60 -25.75
C LYS A 103 1.95 -13.77 -25.76
N PRO A 104 1.22 -13.12 -24.86
CA PRO A 104 -0.23 -13.27 -24.82
C PRO A 104 -0.86 -12.53 -25.99
N LYS A 105 -2.15 -12.78 -26.18
CA LYS A 105 -2.88 -12.03 -27.20
C LYS A 105 -3.68 -10.87 -26.61
N ASN A 106 -4.39 -11.06 -25.51
CA ASN A 106 -5.18 -9.97 -24.92
C ASN A 106 -5.24 -10.15 -23.41
N ALA A 107 -4.08 -10.14 -22.77
CA ALA A 107 -4.00 -10.55 -21.36
C ALA A 107 -4.53 -9.46 -20.44
N THR A 108 -5.24 -9.87 -19.38
CA THR A 108 -5.57 -8.99 -18.28
C THR A 108 -4.30 -8.48 -17.61
N VAL A 109 -4.34 -7.23 -17.12
CA VAL A 109 -3.17 -6.57 -16.56
C VAL A 109 -3.38 -6.33 -15.08
N LEU A 110 -2.37 -6.68 -14.28
CA LEU A 110 -2.35 -6.40 -12.86
C LEU A 110 -1.28 -5.34 -12.61
N ILE A 111 -1.67 -4.21 -12.00
CA ILE A 111 -0.73 -3.13 -11.71
C ILE A 111 -0.57 -3.02 -10.21
N TRP A 112 0.65 -3.28 -9.72
CA TRP A 112 0.96 -3.22 -8.30
C TRP A 112 1.43 -1.82 -7.89
N ILE A 113 0.89 -1.34 -6.77
CA ILE A 113 1.33 -0.09 -6.16
C ILE A 113 1.82 -0.44 -4.76
N TYR A 114 3.11 -0.30 -4.50
CA TYR A 114 3.66 -0.72 -3.21
C TYR A 114 3.25 0.23 -2.09
N GLY A 115 3.26 -0.31 -0.88
CA GLY A 115 3.07 0.48 0.32
C GLY A 115 4.40 0.94 0.92
N GLY A 116 4.31 1.45 2.14
CA GLY A 116 5.43 2.09 2.78
C GLY A 116 5.10 3.45 3.35
N GLY A 117 3.81 3.68 3.65
CA GLY A 117 3.42 4.92 4.28
C GLY A 117 3.61 6.18 3.46
N PHE A 118 3.74 6.06 2.13
CA PHE A 118 4.06 7.18 1.25
C PHE A 118 5.40 7.82 1.57
N GLN A 119 6.20 7.24 2.49
CA GLN A 119 7.54 7.73 2.78
C GLN A 119 8.63 6.80 2.28
N THR A 120 8.30 5.52 2.03
CA THR A 120 9.28 4.50 1.67
C THR A 120 8.64 3.54 0.65
N GLY A 121 9.45 2.61 0.17
CA GLY A 121 8.95 1.57 -0.70
C GLY A 121 9.65 1.54 -2.04
N THR A 122 9.62 0.38 -2.68
CA THR A 122 10.13 0.33 -4.04
C THR A 122 9.53 -0.89 -4.74
N SER A 123 9.39 -0.79 -6.07
CA SER A 123 8.79 -1.89 -6.81
C SER A 123 9.74 -3.07 -7.00
N SER A 124 11.04 -2.92 -6.73
CA SER A 124 12.00 -3.96 -7.01
C SER A 124 12.15 -4.96 -5.88
N LEU A 125 11.34 -4.87 -4.84
CA LEU A 125 11.44 -5.81 -3.74
C LEU A 125 11.12 -7.24 -4.22
N HIS A 126 11.83 -8.19 -3.61
CA HIS A 126 11.66 -9.60 -3.95
C HIS A 126 10.21 -10.06 -3.77
N VAL A 127 9.53 -9.56 -2.73
CA VAL A 127 8.14 -10.01 -2.50
C VAL A 127 7.14 -9.39 -3.47
N TYR A 128 7.58 -8.52 -4.37
CA TYR A 128 6.72 -7.96 -5.42
C TYR A 128 7.11 -8.47 -6.80
N ASP A 129 7.93 -9.52 -6.88
CA ASP A 129 8.33 -10.07 -8.18
C ASP A 129 7.12 -10.66 -8.89
N GLY A 130 6.70 -10.03 -9.99
CA GLY A 130 5.55 -10.45 -10.74
C GLY A 130 5.77 -11.61 -11.70
N LYS A 131 6.92 -12.28 -11.69
CA LYS A 131 7.16 -13.34 -12.66
C LYS A 131 6.33 -14.58 -12.36
N PHE A 132 5.98 -14.84 -11.10
CA PHE A 132 5.17 -16.01 -10.80
C PHE A 132 3.73 -15.82 -11.28
N LEU A 133 3.17 -14.62 -11.09
CA LEU A 133 1.80 -14.37 -11.54
C LEU A 133 1.69 -14.46 -13.06
N ALA A 134 2.66 -13.89 -13.78
CA ALA A 134 2.63 -13.98 -15.24
C ALA A 134 2.76 -15.42 -15.71
N ARG A 135 3.56 -16.21 -15.01
CA ARG A 135 3.79 -17.59 -15.42
C ARG A 135 2.60 -18.49 -15.08
N VAL A 136 2.01 -18.32 -13.90
CA VAL A 136 1.01 -19.26 -13.40
C VAL A 136 -0.39 -18.94 -13.91
N GLU A 137 -0.77 -17.66 -13.97
CA GLU A 137 -2.11 -17.26 -14.37
C GLU A 137 -2.16 -16.59 -15.73
N ARG A 138 -1.01 -16.36 -16.36
CA ARG A 138 -0.93 -15.75 -17.70
C ARG A 138 -1.53 -14.34 -17.72
N VAL A 139 -1.41 -13.61 -16.63
CA VAL A 139 -1.69 -12.19 -16.64
C VAL A 139 -0.39 -11.43 -16.90
N ILE A 140 -0.51 -10.18 -17.30
CA ILE A 140 0.64 -9.29 -17.33
C ILE A 140 0.67 -8.53 -16.01
N VAL A 141 1.86 -8.43 -15.41
CA VAL A 141 2.05 -7.74 -14.14
C VAL A 141 2.89 -6.49 -14.39
N VAL A 142 2.41 -5.36 -13.90
CA VAL A 142 3.08 -4.08 -14.03
C VAL A 142 3.27 -3.49 -12.63
N SER A 143 4.45 -2.90 -12.39
CA SER A 143 4.72 -2.21 -11.14
C SER A 143 5.57 -0.98 -11.44
N MET A 144 5.42 0.08 -10.62
CA MET A 144 6.14 1.31 -10.88
C MET A 144 6.72 1.88 -9.60
N ASN A 145 7.81 2.64 -9.75
CA ASN A 145 8.29 3.47 -8.66
C ASN A 145 7.63 4.84 -8.77
N TYR A 146 7.24 5.36 -7.62
CA TYR A 146 6.65 6.68 -7.54
C TYR A 146 7.31 7.42 -6.38
N ARG A 147 7.44 8.73 -6.52
CA ARG A 147 8.14 9.53 -5.53
C ARG A 147 7.46 9.44 -4.17
N VAL A 148 8.25 9.41 -3.10
CA VAL A 148 7.74 9.28 -1.75
C VAL A 148 8.36 10.38 -0.88
N GLY A 149 7.84 10.50 0.34
CA GLY A 149 8.31 11.52 1.25
C GLY A 149 7.98 12.92 0.78
N ALA A 150 8.78 13.88 1.25
CA ALA A 150 8.61 15.25 0.81
C ALA A 150 8.78 15.36 -0.69
N LEU A 151 9.71 14.58 -1.27
CA LEU A 151 9.94 14.67 -2.71
C LEU A 151 8.69 14.28 -3.50
N GLY A 152 7.81 13.46 -2.94
CA GLY A 152 6.59 13.08 -3.62
C GLY A 152 5.31 13.73 -3.10
N PHE A 153 5.34 14.31 -1.90
CA PHE A 153 4.10 14.76 -1.31
C PHE A 153 4.21 16.11 -0.59
N LEU A 154 5.31 16.82 -0.74
CA LEU A 154 5.36 18.18 -0.24
C LEU A 154 4.23 18.99 -0.85
N ALA A 155 3.59 19.84 -0.03
CA ALA A 155 2.37 20.52 -0.48
C ALA A 155 2.39 21.97 -0.05
N LEU A 156 2.39 22.86 -1.04
CA LEU A 156 1.93 24.23 -0.89
C LEU A 156 0.64 24.30 -1.69
N PRO A 157 -0.48 23.86 -1.13
CA PRO A 157 -1.68 23.57 -1.95
C PRO A 157 -2.09 24.77 -2.76
N GLY A 158 -2.25 24.55 -4.07
CA GLY A 158 -2.56 25.60 -5.01
C GLY A 158 -1.36 26.14 -5.78
N ASN A 159 -0.16 25.97 -5.24
CA ASN A 159 1.06 26.41 -5.93
C ASN A 159 1.56 25.30 -6.84
N PRO A 160 1.70 25.52 -8.14
CA PRO A 160 2.16 24.45 -9.04
C PRO A 160 3.63 24.10 -8.88
N GLU A 161 4.42 24.91 -8.15
CA GLU A 161 5.79 24.52 -7.86
C GLU A 161 5.86 23.39 -6.83
N ALA A 162 4.82 23.22 -6.03
CA ALA A 162 4.74 22.15 -5.07
C ALA A 162 3.27 21.92 -4.72
N PRO A 163 2.47 21.37 -5.65
CA PRO A 163 1.02 21.33 -5.44
C PRO A 163 0.57 20.21 -4.52
N GLY A 164 1.45 19.28 -4.19
CA GLY A 164 1.06 18.09 -3.47
C GLY A 164 0.74 16.94 -4.43
N ASN A 165 0.68 15.74 -3.86
CA ASN A 165 0.17 14.54 -4.53
C ASN A 165 1.00 14.10 -5.73
N MET A 166 2.23 14.61 -5.83
CA MET A 166 3.11 14.28 -6.95
C MET A 166 3.31 12.77 -7.11
N GLY A 167 3.50 12.05 -6.00
CA GLY A 167 3.66 10.60 -6.10
C GLY A 167 2.41 9.91 -6.62
N LEU A 168 1.23 10.46 -6.30
CA LEU A 168 -0.01 9.96 -6.87
C LEU A 168 -0.07 10.24 -8.37
N PHE A 169 0.37 11.43 -8.80
CA PHE A 169 0.43 11.70 -10.23
C PHE A 169 1.50 10.85 -10.92
N ASP A 170 2.60 10.51 -10.23
CA ASP A 170 3.55 9.55 -10.79
C ASP A 170 2.85 8.22 -11.09
N GLN A 171 2.16 7.67 -10.08
CA GLN A 171 1.37 6.47 -10.27
C GLN A 171 0.42 6.62 -11.45
N GLN A 172 -0.27 7.76 -11.54
CA GLN A 172 -1.26 7.96 -12.61
C GLN A 172 -0.60 7.98 -13.98
N LEU A 173 0.57 8.60 -14.08
CA LEU A 173 1.24 8.66 -15.36
C LEU A 173 1.70 7.28 -15.80
N ALA A 174 1.96 6.38 -14.85
CA ALA A 174 2.29 5.00 -15.19
C ALA A 174 1.07 4.24 -15.66
N LEU A 175 -0.09 4.46 -15.01
CA LEU A 175 -1.34 3.85 -15.50
C LEU A 175 -1.62 4.28 -16.94
N GLN A 176 -1.44 5.58 -17.22
CA GLN A 176 -1.52 6.12 -18.58
C GLN A 176 -0.57 5.38 -19.53
N TRP A 177 0.67 5.14 -19.08
CA TRP A 177 1.63 4.41 -19.90
C TRP A 177 1.10 3.04 -20.27
N VAL A 178 0.46 2.36 -19.31
CA VAL A 178 -0.15 1.06 -19.59
C VAL A 178 -1.26 1.20 -20.62
N GLN A 179 -2.09 2.25 -20.52
CA GLN A 179 -3.16 2.43 -21.50
C GLN A 179 -2.59 2.62 -22.90
N LYS A 180 -1.50 3.37 -23.03
CA LYS A 180 -0.99 3.67 -24.36
C LYS A 180 -0.09 2.57 -24.94
N ASN A 181 0.49 1.71 -24.09
CA ASN A 181 1.57 0.85 -24.52
C ASN A 181 1.36 -0.64 -24.27
N ILE A 182 0.44 -1.05 -23.39
CA ILE A 182 0.45 -2.45 -22.99
C ILE A 182 -0.05 -3.37 -24.10
N ALA A 183 -0.83 -2.87 -25.06
CA ALA A 183 -1.27 -3.73 -26.16
C ALA A 183 -0.08 -4.23 -26.97
N ALA A 184 0.97 -3.42 -27.10
CA ALA A 184 2.17 -3.89 -27.79
C ALA A 184 2.86 -5.04 -27.06
N PHE A 185 2.60 -5.22 -25.77
CA PHE A 185 3.13 -6.33 -24.99
C PHE A 185 2.17 -7.51 -24.91
N GLY A 186 1.06 -7.49 -25.66
CA GLY A 186 0.05 -8.51 -25.55
C GLY A 186 -0.98 -8.30 -24.46
N GLY A 187 -1.06 -7.10 -23.88
CA GLY A 187 -1.96 -6.83 -22.78
C GLY A 187 -3.25 -6.21 -23.24
N ASN A 188 -4.25 -6.24 -22.36
CA ASN A 188 -5.56 -5.66 -22.63
C ASN A 188 -5.74 -4.38 -21.83
N PRO A 189 -5.56 -3.20 -22.44
CA PRO A 189 -5.79 -1.94 -21.71
C PRO A 189 -7.21 -1.80 -21.16
N LYS A 190 -8.18 -2.52 -21.71
CA LYS A 190 -9.54 -2.52 -21.21
C LYS A 190 -9.76 -3.48 -20.05
N SER A 191 -8.71 -4.17 -19.58
CA SER A 191 -8.82 -5.13 -18.47
C SER A 191 -7.58 -4.93 -17.59
N VAL A 192 -7.61 -3.86 -16.79
CA VAL A 192 -6.51 -3.52 -15.88
C VAL A 192 -7.07 -3.52 -14.45
N THR A 193 -6.45 -4.30 -13.58
CA THR A 193 -6.80 -4.28 -12.17
C THR A 193 -5.64 -3.70 -11.38
N LEU A 194 -5.93 -2.69 -10.56
CA LEU A 194 -4.92 -2.15 -9.64
C LEU A 194 -4.95 -2.96 -8.36
N PHE A 195 -3.77 -3.30 -7.84
CA PHE A 195 -3.71 -3.84 -6.49
C PHE A 195 -2.51 -3.25 -5.76
N GLY A 196 -2.63 -3.19 -4.44
CA GLY A 196 -1.57 -2.62 -3.62
C GLY A 196 -1.85 -2.91 -2.17
N GLU A 197 -0.83 -2.64 -1.33
CA GLU A 197 -0.92 -2.96 0.09
C GLU A 197 -0.52 -1.75 0.93
C1 MKF A 198 0.45 1.27 7.29
C2 MKF A 198 2.36 2.75 6.63
C MKF A 198 1.28 1.28 5.01
O MKF A 198 2.11 1.65 4.17
N MKF A 198 1.36 1.75 6.25
N1 MKF A 198 -1.19 -1.58 2.06
CA MKF A 198 -0.96 -0.42 2.94
C3 MKF A 198 -1.13 0.89 2.16
O1 MKF A 198 -2.21 1.13 1.60
CB MKF A 198 0.44 -0.51 3.60
OG MKF A 198 0.43 0.20 4.82
N ALA A 199 -0.10 1.73 2.11
CA ALA A 199 -0.23 2.98 1.37
C ALA A 199 -0.47 2.73 -0.12
N GLY A 200 -0.05 1.57 -0.63
CA GLY A 200 -0.42 1.20 -1.98
C GLY A 200 -1.91 0.97 -2.10
N ALA A 201 -2.50 0.29 -1.11
CA ALA A 201 -3.95 0.14 -1.08
C ALA A 201 -4.65 1.49 -0.92
N ALA A 202 -4.16 2.33 0.01
CA ALA A 202 -4.72 3.67 0.11
C ALA A 202 -4.61 4.39 -1.23
N SER A 203 -3.49 4.22 -1.93
CA SER A 203 -3.36 4.83 -3.26
C SER A 203 -4.42 4.29 -4.21
N VAL A 204 -4.62 2.97 -4.20
CA VAL A 204 -5.64 2.39 -5.09
C VAL A 204 -7.01 3.01 -4.81
N SER A 205 -7.36 3.14 -3.52
CA SER A 205 -8.66 3.69 -3.18
C SER A 205 -8.82 5.14 -3.63
N LEU A 206 -7.71 5.90 -3.69
CA LEU A 206 -7.79 7.29 -4.16
C LEU A 206 -7.86 7.37 -5.68
N HIS A 207 -7.28 6.41 -6.40
CA HIS A 207 -7.52 6.34 -7.83
C HIS A 207 -8.99 6.04 -8.14
N LEU A 208 -9.67 5.28 -7.28
CA LEU A 208 -11.12 5.10 -7.42
C LEU A 208 -11.85 6.43 -7.26
N LEU A 209 -11.28 7.36 -6.50
CA LEU A 209 -11.90 8.65 -6.25
C LEU A 209 -11.49 9.75 -7.22
N SER A 210 -10.38 9.59 -7.93
CA SER A 210 -9.86 10.66 -8.76
C SER A 210 -10.44 10.57 -10.16
N PRO A 211 -11.20 11.57 -10.62
CA PRO A 211 -11.79 11.47 -11.97
C PRO A 211 -10.74 11.23 -13.06
N GLY A 212 -9.55 11.81 -12.92
CA GLY A 212 -8.49 11.64 -13.91
C GLY A 212 -7.92 10.23 -13.99
N SER A 213 -8.19 9.36 -13.02
CA SER A 213 -7.78 7.97 -13.10
C SER A 213 -8.90 7.02 -13.52
N HIS A 214 -10.15 7.51 -13.55
N HIS A 214 -10.15 7.51 -13.62
CA HIS A 214 -11.32 6.68 -13.85
CA HIS A 214 -11.28 6.59 -13.80
C HIS A 214 -11.10 5.81 -15.07
C HIS A 214 -11.21 5.82 -15.12
N SER A 215 -10.67 6.42 -16.17
CA SER A 215 -10.54 5.73 -17.45
C SER A 215 -9.26 4.90 -17.56
N LEU A 216 -8.46 4.81 -16.50
CA LEU A 216 -7.16 4.16 -16.58
C LEU A 216 -7.13 2.79 -15.94
N PHE A 217 -8.26 2.27 -15.47
CA PHE A 217 -8.26 0.93 -14.91
C PHE A 217 -9.69 0.42 -14.85
N THR A 218 -9.82 -0.87 -14.57
CA THR A 218 -11.11 -1.53 -14.54
C THR A 218 -11.60 -1.86 -13.13
N ARG A 219 -10.74 -2.48 -12.32
CA ARG A 219 -11.13 -3.05 -11.04
C ARG A 219 -10.03 -2.74 -10.04
N ALA A 220 -10.28 -3.06 -8.77
CA ALA A 220 -9.35 -2.64 -7.72
C ALA A 220 -9.33 -3.64 -6.57
N ILE A 221 -8.12 -3.86 -6.04
CA ILE A 221 -7.84 -4.73 -4.90
C ILE A 221 -7.11 -3.94 -3.81
N LEU A 222 -7.64 -3.97 -2.58
CA LEU A 222 -7.10 -3.16 -1.47
C LEU A 222 -6.65 -4.05 -0.32
N GLN A 223 -5.33 -4.27 -0.19
CA GLN A 223 -4.78 -5.14 0.85
C GLN A 223 -4.30 -4.28 2.04
N SER A 224 -4.97 -4.40 3.18
CA SER A 224 -4.53 -3.72 4.41
C SER A 224 -4.38 -2.21 4.22
N GLY A 225 -5.41 -1.56 3.70
CA GLY A 225 -5.31 -0.13 3.52
C GLY A 225 -6.48 0.45 2.75
N SER A 226 -6.80 1.72 3.01
CA SER A 226 -7.80 2.50 2.30
C SER A 226 -7.57 3.94 2.72
N PHE A 227 -8.06 4.90 1.92
CA PHE A 227 -7.73 6.30 2.19
C PHE A 227 -8.30 6.78 3.52
N ASN A 228 -9.39 6.17 4.00
CA ASN A 228 -10.02 6.60 5.24
C ASN A 228 -9.31 6.07 6.48
N ALA A 229 -8.22 5.31 6.31
CA ALA A 229 -7.44 4.93 7.48
C ALA A 229 -6.81 6.18 8.10
N PRO A 230 -6.73 6.25 9.42
CA PRO A 230 -6.33 7.53 10.05
C PRO A 230 -4.92 8.01 9.70
N TRP A 231 -4.02 7.13 9.25
CA TRP A 231 -2.68 7.52 8.82
C TRP A 231 -2.58 7.92 7.35
N ALA A 232 -3.66 7.87 6.56
CA ALA A 232 -3.48 7.91 5.11
C ALA A 232 -3.56 9.29 4.47
N VAL A 233 -4.32 10.24 4.99
CA VAL A 233 -4.50 11.53 4.33
C VAL A 233 -4.13 12.66 5.30
N THR A 234 -3.32 13.61 4.84
CA THR A 234 -2.98 14.80 5.59
C THR A 234 -3.94 15.93 5.28
N SER A 235 -4.42 16.62 6.31
CA SER A 235 -5.22 17.80 6.07
C SER A 235 -4.37 18.90 5.46
N LEU A 236 -5.03 19.81 4.73
CA LEU A 236 -4.33 20.96 4.17
C LEU A 236 -3.62 21.76 5.25
N TYR A 237 -4.13 21.72 6.48
CA TYR A 237 -3.52 22.47 7.57
C TYR A 237 -2.15 21.88 7.92
N GLU A 238 -2.11 20.60 8.27
CA GLU A 238 -0.82 19.96 8.57
C GLU A 238 0.11 20.02 7.37
N ALA A 239 -0.43 19.82 6.17
CA ALA A 239 0.40 19.86 4.96
C ALA A 239 1.17 21.17 4.87
N ARG A 240 0.48 22.29 5.07
CA ARG A 240 1.16 23.58 5.04
C ARG A 240 2.12 23.73 6.22
N ASN A 241 1.68 23.38 7.44
CA ASN A 241 2.56 23.51 8.60
C ASN A 241 3.78 22.61 8.48
N ARG A 242 3.65 21.49 7.76
CA ARG A 242 4.78 20.59 7.59
C ARG A 242 5.75 21.09 6.53
N THR A 243 5.24 21.63 5.44
CA THR A 243 6.10 22.31 4.47
C THR A 243 6.87 23.46 5.13
N LEU A 244 6.19 24.27 5.94
CA LEU A 244 6.86 25.41 6.57
C LEU A 244 7.92 24.95 7.57
N ASN A 245 7.64 23.87 8.31
CA ASN A 245 8.61 23.34 9.26
C ASN A 245 9.88 22.88 8.53
N LEU A 246 9.73 22.16 7.41
CA LEU A 246 10.88 21.72 6.63
C LEU A 246 11.69 22.91 6.11
N ALA A 247 11.01 23.99 5.70
CA ALA A 247 11.73 25.20 5.31
C ALA A 247 12.50 25.79 6.47
N LYS A 248 11.89 25.83 7.65
CA LYS A 248 12.62 26.28 8.84
C LYS A 248 13.85 25.43 9.07
N LEU A 249 13.67 24.10 9.09
CA LEU A 249 14.77 23.18 9.35
C LEU A 249 15.88 23.27 8.31
N THR A 250 15.54 23.59 7.06
CA THR A 250 16.55 23.69 6.02
C THR A 250 17.07 25.11 5.85
N GLY A 251 16.57 26.09 6.60
CA GLY A 251 16.97 27.46 6.37
C GLY A 251 16.38 28.06 5.12
N CYS A 252 15.27 27.52 4.63
CA CYS A 252 14.59 27.98 3.42
C CYS A 252 13.35 28.80 3.74
N SER A 253 13.17 29.19 4.99
CA SER A 253 12.08 30.08 5.34
C SER A 253 12.21 31.39 4.57
N ARG A 254 11.23 31.67 3.71
CA ARG A 254 11.13 32.91 2.98
C ARG A 254 9.69 33.42 3.11
N GLU A 255 9.47 34.65 2.64
CA GLU A 255 8.10 35.16 2.58
C GLU A 255 7.38 34.67 1.32
N ASN A 256 7.91 35.01 0.15
CA ASN A 256 7.39 34.48 -1.10
C ASN A 256 7.40 32.96 -1.06
N GLU A 257 6.21 32.35 -0.93
CA GLU A 257 6.12 30.89 -0.86
C GLU A 257 6.76 30.20 -2.05
N THR A 258 6.86 30.89 -3.18
CA THR A 258 7.56 30.31 -4.32
C THR A 258 9.08 30.32 -4.10
N GLU A 259 9.60 31.38 -3.50
CA GLU A 259 11.03 31.43 -3.19
C GLU A 259 11.43 30.34 -2.20
N ILE A 260 10.50 29.90 -1.36
CA ILE A 260 10.76 28.76 -0.48
C ILE A 260 11.07 27.52 -1.33
N ILE A 261 10.21 27.22 -2.30
CA ILE A 261 10.37 26.01 -3.11
C ILE A 261 11.66 26.09 -3.91
N LYS A 262 12.00 27.27 -4.44
CA LYS A 262 13.25 27.43 -5.15
C LYS A 262 14.43 27.12 -4.24
N CYS A 263 14.41 27.67 -3.02
CA CYS A 263 15.43 27.34 -2.03
C CYS A 263 15.51 25.84 -1.77
N LEU A 264 14.35 25.18 -1.65
CA LEU A 264 14.38 23.74 -1.39
C LEU A 264 14.85 22.95 -2.60
N ARG A 265 14.77 23.52 -3.80
CA ARG A 265 15.26 22.84 -4.99
C ARG A 265 16.79 22.85 -5.09
N ASN A 266 17.48 23.75 -4.40
CA ASN A 266 18.92 23.74 -4.40
C ASN A 266 19.51 22.93 -3.25
N LYS A 267 18.68 22.27 -2.46
CA LYS A 267 19.19 21.42 -1.39
C LYS A 267 19.41 20.01 -1.92
N ASP A 268 20.44 19.36 -1.40
CA ASP A 268 20.71 17.98 -1.76
C ASP A 268 19.63 17.07 -1.18
N PRO A 269 19.27 16.00 -1.88
CA PRO A 269 18.19 15.13 -1.39
C PRO A 269 18.38 14.68 0.05
N GLN A 270 19.63 14.44 0.47
CA GLN A 270 19.88 13.97 1.83
C GLN A 270 19.46 15.00 2.85
N GLU A 271 19.81 16.26 2.63
CA GLU A 271 19.37 17.33 3.54
C GLU A 271 17.85 17.35 3.68
N ILE A 272 17.12 17.21 2.58
CA ILE A 272 15.67 17.14 2.69
C ILE A 272 15.26 15.90 3.46
N LEU A 273 15.89 14.76 3.17
CA LEU A 273 15.45 13.49 3.76
C LEU A 273 15.69 13.46 5.27
N LEU A 274 16.86 13.94 5.72
CA LEU A 274 17.14 13.84 7.16
C LEU A 274 16.28 14.80 7.97
N ASN A 275 15.89 15.93 7.39
CA ASN A 275 14.99 16.84 8.10
C ASN A 275 13.53 16.38 8.08
N GLU A 276 13.17 15.53 7.12
CA GLU A 276 11.79 15.06 6.97
C GLU A 276 11.24 14.50 8.28
N ALA A 277 12.09 13.84 9.07
CA ALA A 277 11.61 13.07 10.21
C ALA A 277 10.97 13.97 11.27
N PHE A 278 11.60 15.10 11.58
CA PHE A 278 11.22 15.91 12.72
C PHE A 278 10.18 16.97 12.40
N VAL A 279 9.51 16.84 11.25
CA VAL A 279 8.53 17.85 10.85
C VAL A 279 7.21 17.68 11.59
N VAL A 280 6.89 16.46 12.03
CA VAL A 280 5.70 16.24 12.85
C VAL A 280 6.04 16.66 14.28
N PRO A 281 5.09 17.26 15.01
CA PRO A 281 5.39 17.67 16.39
C PRO A 281 5.48 16.48 17.32
N TYR A 282 4.45 15.62 17.27
CA TYR A 282 4.42 14.36 18.00
C TYR A 282 4.04 13.28 16.99
N GLY A 283 5.04 12.54 16.52
CA GLY A 283 4.79 11.47 15.61
C GLY A 283 4.43 10.17 16.31
N THR A 284 4.05 9.19 15.50
CA THR A 284 3.78 7.83 15.91
C THR A 284 4.56 6.89 15.02
N PRO A 285 4.68 5.60 15.39
CA PRO A 285 5.30 4.63 14.47
C PRO A 285 4.60 4.52 13.13
N LEU A 286 3.33 4.92 13.04
CA LEU A 286 2.57 4.94 11.80
C LEU A 286 2.52 6.33 11.18
N SER A 287 3.40 7.24 11.60
CA SER A 287 3.33 8.61 11.12
C SER A 287 3.61 8.68 9.62
N VAL A 288 2.73 9.37 8.91
CA VAL A 288 2.92 9.67 7.50
C VAL A 288 3.26 11.16 7.45
N ASN A 289 4.56 11.45 7.33
CA ASN A 289 4.99 12.85 7.43
C ASN A 289 4.48 13.66 6.26
N PHE A 290 4.71 13.20 5.04
CA PHE A 290 4.28 13.87 3.82
C PHE A 290 3.46 12.87 3.04
N GLY A 291 2.15 13.10 2.94
CA GLY A 291 1.24 12.18 2.30
C GLY A 291 0.23 12.86 1.41
N PRO A 292 -0.73 12.09 0.91
CA PRO A 292 -1.78 12.67 0.06
C PRO A 292 -2.50 13.81 0.76
N THR A 293 -2.85 14.84 -0.01
CA THR A 293 -3.65 15.94 0.50
C THR A 293 -4.76 16.28 -0.51
N VAL A 294 -5.70 17.12 -0.08
CA VAL A 294 -6.72 17.67 -0.96
C VAL A 294 -6.06 18.79 -1.75
N ASP A 295 -5.78 18.55 -3.03
CA ASP A 295 -5.04 19.49 -3.85
C ASP A 295 -5.91 20.25 -4.85
N GLY A 296 -7.20 19.94 -4.92
CA GLY A 296 -8.05 20.49 -5.97
C GLY A 296 -7.73 20.00 -7.36
N ASP A 297 -6.97 18.91 -7.48
CA ASP A 297 -6.52 18.42 -8.78
C ASP A 297 -6.73 16.91 -8.86
N PHE A 298 -5.85 16.16 -8.19
CA PHE A 298 -6.06 14.73 -8.05
C PHE A 298 -7.24 14.43 -7.14
N LEU A 299 -7.41 15.25 -6.10
CA LEU A 299 -8.45 15.09 -5.09
C LEU A 299 -9.18 16.41 -4.96
N THR A 300 -10.42 16.46 -5.49
CA THR A 300 -11.14 17.73 -5.60
C THR A 300 -11.86 18.14 -4.33
N ASP A 301 -11.98 17.25 -3.34
CA ASP A 301 -12.72 17.52 -2.12
C ASP A 301 -12.19 16.54 -1.08
N MET A 302 -12.61 16.74 0.17
CA MET A 302 -12.21 15.81 1.21
C MET A 302 -12.72 14.40 0.88
N PRO A 303 -11.85 13.39 0.89
CA PRO A 303 -12.27 12.08 0.35
C PRO A 303 -13.36 11.41 1.16
N ASP A 304 -13.45 11.65 2.47
CA ASP A 304 -14.62 11.18 3.23
C ASP A 304 -15.92 11.63 2.58
N ILE A 305 -15.96 12.89 2.15
CA ILE A 305 -17.18 13.43 1.54
C ILE A 305 -17.47 12.71 0.23
N LEU A 306 -16.44 12.53 -0.61
CA LEU A 306 -16.61 11.84 -1.89
C LEU A 306 -17.14 10.42 -1.68
N LEU A 307 -16.50 9.66 -0.79
CA LEU A 307 -16.97 8.30 -0.47
C LEU A 307 -18.42 8.32 -0.01
N GLU A 308 -18.71 9.14 1.01
CA GLU A 308 -20.03 9.15 1.61
C GLU A 308 -21.11 9.48 0.58
N LEU A 309 -20.83 10.35 -0.39
CA LEU A 309 -21.83 10.81 -1.33
C LEU A 309 -21.74 10.07 -2.68
N GLY A 310 -20.99 8.97 -2.73
CA GLY A 310 -21.01 8.10 -3.89
C GLY A 310 -20.26 8.63 -5.09
N GLN A 311 -19.22 9.45 -4.87
CA GLN A 311 -18.52 10.10 -5.98
C GLN A 311 -17.22 9.35 -6.24
N PHE A 312 -17.37 8.18 -6.87
CA PHE A 312 -16.23 7.32 -7.16
C PHE A 312 -16.56 6.41 -8.34
N LYS A 313 -15.52 5.80 -8.89
CA LYS A 313 -15.69 4.90 -10.02
C LYS A 313 -16.54 3.69 -9.61
N LYS A 314 -17.61 3.44 -10.36
CA LYS A 314 -18.49 2.31 -10.10
C LYS A 314 -17.87 1.06 -10.73
N THR A 315 -17.41 0.13 -9.90
CA THR A 315 -16.73 -1.09 -10.35
C THR A 315 -16.67 -2.04 -9.16
N GLN A 316 -16.06 -3.21 -9.35
CA GLN A 316 -15.91 -4.20 -8.29
C GLN A 316 -14.63 -3.95 -7.51
N ILE A 317 -14.66 -4.28 -6.22
CA ILE A 317 -13.48 -4.17 -5.37
C ILE A 317 -13.30 -5.46 -4.57
N LEU A 318 -12.05 -5.73 -4.25
CA LEU A 318 -11.66 -6.82 -3.36
C LEU A 318 -10.86 -6.17 -2.24
N VAL A 319 -11.28 -6.39 -1.00
CA VAL A 319 -10.69 -5.69 0.14
C VAL A 319 -10.42 -6.69 1.24
N GLY A 320 -9.33 -6.49 1.97
CA GLY A 320 -9.14 -7.34 3.13
C GLY A 320 -8.07 -6.81 4.05
N VAL A 321 -7.87 -7.54 5.15
CA VAL A 321 -6.98 -7.20 6.24
C VAL A 321 -6.43 -8.51 6.79
N ASN A 322 -5.37 -8.40 7.58
CA ASN A 322 -4.76 -9.54 8.24
C ASN A 322 -5.17 -9.58 9.70
N LYS A 323 -5.05 -10.77 10.29
CA LYS A 323 -5.54 -10.99 11.66
C LYS A 323 -4.83 -10.11 12.68
N ASP A 324 -3.51 -9.88 12.54
CA ASP A 324 -2.74 -9.13 13.54
C ASP A 324 -2.02 -7.92 12.93
N GLU A 325 -2.78 -7.07 12.23
CA GLU A 325 -2.24 -5.88 11.58
C GLU A 325 -1.40 -5.00 12.49
N GLY A 326 -1.82 -4.86 13.76
CA GLY A 326 -1.19 -3.86 14.62
C GLY A 326 0.12 -4.26 15.27
N THR A 327 0.45 -5.56 15.32
CA THR A 327 1.53 -6.00 16.19
C THR A 327 2.89 -5.47 15.73
N ALA A 328 3.15 -5.46 14.42
CA ALA A 328 4.44 -5.02 13.90
C ALA A 328 4.83 -3.63 14.44
N PHE A 329 3.85 -2.74 14.62
CA PHE A 329 4.17 -1.38 14.99
C PHE A 329 4.49 -1.22 16.47
N LEU A 330 4.15 -2.21 17.30
CA LEU A 330 4.34 -2.04 18.74
C LEU A 330 5.82 -2.03 19.10
N VAL A 331 6.67 -2.70 18.33
CA VAL A 331 8.09 -2.76 18.70
C VAL A 331 8.84 -1.57 18.12
N TYR A 332 8.13 -0.61 17.55
CA TYR A 332 8.75 0.62 17.08
C TYR A 332 8.49 1.78 18.04
N GLY A 333 8.34 1.51 19.34
CA GLY A 333 8.19 2.59 20.28
C GLY A 333 7.40 2.31 21.54
N ALA A 334 6.49 1.34 21.50
CA ALA A 334 5.67 1.06 22.68
C ALA A 334 6.54 0.47 23.79
N PRO A 335 6.48 1.02 25.01
CA PRO A 335 7.34 0.49 26.07
C PRO A 335 6.96 -0.93 26.48
N GLY A 336 7.97 -1.68 26.89
CA GLY A 336 7.81 -3.08 27.25
C GLY A 336 7.78 -4.04 26.07
N PHE A 337 7.83 -3.53 24.85
CA PHE A 337 7.74 -4.37 23.65
C PHE A 337 9.11 -4.61 23.04
N SER A 338 9.28 -5.80 22.47
CA SER A 338 10.53 -6.18 21.84
C SER A 338 10.28 -7.41 20.99
N LYS A 339 10.85 -7.43 19.79
CA LYS A 339 10.75 -8.63 18.98
C LYS A 339 11.52 -9.81 19.57
N ASP A 340 12.40 -9.59 20.56
CA ASP A 340 13.26 -10.64 21.09
C ASP A 340 12.79 -11.18 22.45
N ASN A 341 11.59 -10.84 22.90
CA ASN A 341 10.95 -11.50 24.03
C ASN A 341 9.44 -11.45 23.80
N ASN A 342 8.68 -12.04 24.73
CA ASN A 342 7.26 -12.21 24.48
C ASN A 342 6.43 -10.97 24.83
N SER A 343 7.09 -9.89 25.26
CA SER A 343 6.49 -8.56 25.30
C SER A 343 5.27 -8.50 26.22
N ILE A 344 5.33 -9.22 27.33
CA ILE A 344 4.28 -9.11 28.35
C ILE A 344 4.39 -7.73 28.96
N ILE A 345 3.38 -6.89 28.76
CA ILE A 345 3.40 -5.54 29.29
C ILE A 345 2.35 -5.44 30.39
N THR A 346 2.55 -4.46 31.27
CA THR A 346 1.58 -4.20 32.33
C THR A 346 0.49 -3.23 31.87
N ARG A 347 -0.47 -2.98 32.77
CA ARG A 347 -1.48 -1.96 32.54
C ARG A 347 -0.86 -0.60 32.32
N LYS A 348 0.12 -0.23 33.16
CA LYS A 348 0.81 1.04 33.03
C LYS A 348 1.50 1.15 31.68
N GLU A 349 2.15 0.06 31.24
CA GLU A 349 2.81 0.08 29.94
C GLU A 349 1.80 0.18 28.81
N PHE A 350 0.65 -0.49 28.94
CA PHE A 350 -0.43 -0.33 27.96
C PHE A 350 -0.84 1.14 27.88
N GLN A 351 -1.10 1.78 29.03
CA GLN A 351 -1.48 3.19 29.03
C GLN A 351 -0.40 4.06 28.39
N GLU A 352 0.88 3.82 28.74
CA GLU A 352 1.98 4.44 28.02
C GLU A 352 1.90 4.18 26.52
N GLY A 353 1.55 2.96 26.12
CA GLY A 353 1.48 2.63 24.70
C GLY A 353 0.46 3.47 23.95
N LEU A 354 -0.72 3.69 24.54
CA LEU A 354 -1.73 4.53 23.92
C LEU A 354 -1.22 5.95 23.69
N LYS A 355 -0.48 6.49 24.66
CA LYS A 355 0.10 7.82 24.46
C LYS A 355 1.01 7.86 23.24
N ILE A 356 1.69 6.74 22.94
CA ILE A 356 2.56 6.65 21.77
C ILE A 356 1.74 6.62 20.49
N PHE A 357 0.62 5.90 20.49
CA PHE A 357 -0.14 5.73 19.26
C PHE A 357 -1.28 6.72 19.10
N PHE A 358 -1.58 7.50 20.13
CA PHE A 358 -2.64 8.50 20.10
C PHE A 358 -2.14 9.79 20.73
N PRO A 359 -1.05 10.33 20.21
CA PRO A 359 -0.40 11.46 20.89
C PRO A 359 -1.28 12.70 20.98
N GLY A 360 -2.12 12.97 19.99
CA GLY A 360 -2.93 14.17 20.07
C GLY A 360 -4.26 14.05 20.80
N VAL A 361 -4.55 12.89 21.37
CA VAL A 361 -5.87 12.57 21.91
C VAL A 361 -5.93 12.95 23.38
N SER A 362 -7.11 13.41 23.82
CA SER A 362 -7.31 13.79 25.21
C SER A 362 -7.19 12.58 26.14
N GLU A 363 -7.09 12.89 27.43
CA GLU A 363 -7.07 11.85 28.45
C GLU A 363 -8.34 11.01 28.40
N PHE A 364 -9.49 11.66 28.30
CA PHE A 364 -10.77 10.95 28.17
C PHE A 364 -10.78 10.05 26.94
N GLY A 365 -10.24 10.53 25.83
CA GLY A 365 -10.15 9.68 24.65
C GLY A 365 -9.32 8.44 24.88
N LYS A 366 -8.18 8.59 25.57
CA LYS A 366 -7.35 7.42 25.84
C LYS A 366 -7.99 6.52 26.88
N GLU A 367 -8.62 7.10 27.91
CA GLU A 367 -9.37 6.28 28.87
C GLU A 367 -10.46 5.49 28.16
N SER A 368 -11.07 6.07 27.12
CA SER A 368 -12.17 5.39 26.46
C SER A 368 -11.67 4.20 25.66
N ILE A 369 -10.48 4.35 25.04
CA ILE A 369 -9.84 3.20 24.41
C ILE A 369 -9.59 2.10 25.44
N LEU A 370 -9.03 2.48 26.58
CA LEU A 370 -8.74 1.51 27.63
C LEU A 370 -10.00 0.82 28.11
N PHE A 371 -11.07 1.60 28.33
CA PHE A 371 -12.31 1.02 28.84
C PHE A 371 -12.84 -0.06 27.92
N HIS A 372 -12.80 0.17 26.60
CA HIS A 372 -13.42 -0.73 25.63
CA HIS A 372 -13.45 -0.76 25.68
C HIS A 372 -12.58 -1.97 25.35
N TYR A 373 -11.27 -1.91 25.59
CA TYR A 373 -10.39 -3.02 25.25
C TYR A 373 -9.82 -3.75 26.46
N THR A 374 -10.22 -3.41 27.69
CA THR A 374 -9.66 -4.04 28.89
C THR A 374 -10.73 -4.66 29.77
N ASP A 375 -11.80 -5.17 29.16
CA ASP A 375 -12.79 -5.98 29.86
C ASP A 375 -12.72 -7.38 29.23
N TRP A 376 -12.06 -8.31 29.92
CA TRP A 376 -11.72 -9.60 29.35
C TRP A 376 -12.27 -10.73 30.18
N VAL A 377 -12.14 -11.94 29.63
CA VAL A 377 -12.49 -13.18 30.30
C VAL A 377 -11.65 -13.31 31.57
N ASP A 378 -10.50 -13.98 31.45
CA ASP A 378 -9.62 -14.20 32.59
C ASP A 378 -8.72 -12.97 32.78
N ASP A 379 -8.90 -12.26 33.90
CA ASP A 379 -8.09 -11.08 34.19
C ASP A 379 -6.62 -11.44 34.44
N GLN A 380 -6.35 -12.68 34.84
CA GLN A 380 -4.99 -13.07 35.22
C GLN A 380 -4.13 -13.48 34.02
N ARG A 381 -4.69 -13.50 32.80
CA ARG A 381 -3.94 -13.79 31.58
C ARG A 381 -2.83 -12.76 31.39
N PRO A 382 -1.56 -13.16 31.47
CA PRO A 382 -0.48 -12.16 31.48
C PRO A 382 -0.32 -11.43 30.15
N GLU A 383 -0.72 -12.01 29.04
CA GLU A 383 -0.61 -11.32 27.76
C GLU A 383 -1.83 -10.45 27.46
N ASN A 384 -2.73 -10.27 28.43
CA ASN A 384 -3.94 -9.49 28.21
C ASN A 384 -3.62 -8.12 27.61
N TYR A 385 -2.73 -7.37 28.25
CA TYR A 385 -2.44 -6.02 27.79
C TYR A 385 -1.64 -6.03 26.49
N ARG A 386 -0.71 -6.96 26.36
CA ARG A 386 0.06 -7.06 25.11
C ARG A 386 -0.87 -7.26 23.91
N GLU A 387 -1.82 -8.18 24.02
CA GLU A 387 -2.72 -8.42 22.89
C GLU A 387 -3.68 -7.27 22.68
N ALA A 388 -4.13 -6.61 23.75
CA ALA A 388 -5.08 -5.52 23.62
C ALA A 388 -4.49 -4.35 22.84
N LEU A 389 -3.21 -4.03 23.08
CA LEU A 389 -2.60 -2.91 22.38
C LEU A 389 -2.47 -3.21 20.90
N GLY A 390 -2.00 -4.41 20.55
CA GLY A 390 -1.99 -4.81 19.15
C GLY A 390 -3.36 -4.69 18.50
N ASP A 391 -4.38 -5.18 19.18
CA ASP A 391 -5.74 -5.12 18.63
C ASP A 391 -6.21 -3.68 18.49
N VAL A 392 -5.86 -2.83 19.47
CA VAL A 392 -6.20 -1.42 19.39
C VAL A 392 -5.59 -0.82 18.12
N VAL A 393 -4.29 -1.05 17.91
CA VAL A 393 -3.60 -0.45 16.77
C VAL A 393 -4.11 -1.05 15.46
N GLY A 394 -4.36 -2.35 15.44
CA GLY A 394 -4.85 -2.99 14.23
C GLY A 394 -6.27 -2.60 13.87
N ASP A 395 -7.16 -2.53 14.87
CA ASP A 395 -8.55 -2.20 14.59
C ASP A 395 -8.68 -0.76 14.13
N TYR A 396 -8.03 0.17 14.85
CA TYR A 396 -8.12 1.60 14.54
C TYR A 396 -7.50 1.93 13.19
N ASN A 397 -6.34 1.36 12.89
CA ASN A 397 -5.58 1.79 11.72
C ASN A 397 -5.87 0.99 10.46
N PHE A 398 -6.46 -0.19 10.57
CA PHE A 398 -6.62 -1.03 9.39
C PHE A 398 -8.00 -1.65 9.25
N ILE A 399 -8.43 -2.40 10.26
CA ILE A 399 -9.59 -3.26 10.07
C ILE A 399 -10.87 -2.44 9.97
N CYS A 400 -11.09 -1.53 10.94
CA CYS A 400 -12.31 -0.74 10.93
C CYS A 400 -12.38 0.23 9.74
N PRO A 401 -11.31 0.91 9.35
CA PRO A 401 -11.40 1.71 8.12
C PRO A 401 -11.65 0.87 6.88
N ALA A 402 -10.99 -0.29 6.75
CA ALA A 402 -11.23 -1.14 5.56
C ALA A 402 -12.68 -1.58 5.49
N LEU A 403 -13.24 -2.01 6.63
CA LEU A 403 -14.63 -2.40 6.66
C LEU A 403 -15.54 -1.21 6.35
N GLU A 404 -15.22 -0.03 6.90
CA GLU A 404 -16.06 1.13 6.63
CA GLU A 404 -16.03 1.16 6.65
C GLU A 404 -15.98 1.53 5.16
N PHE A 405 -14.79 1.48 4.57
CA PHE A 405 -14.67 1.75 3.13
C PHE A 405 -15.54 0.80 2.33
N THR A 406 -15.48 -0.51 2.66
CA THR A 406 -16.20 -1.52 1.90
C THR A 406 -17.71 -1.37 2.05
N LYS A 407 -18.19 -1.05 3.26
CA LYS A 407 -19.60 -0.79 3.45
C LYS A 407 -20.06 0.39 2.62
N LYS A 408 -19.36 1.51 2.72
CA LYS A 408 -19.80 2.72 2.02
C LYS A 408 -19.75 2.50 0.53
N PHE A 409 -18.68 1.86 0.06
CA PHE A 409 -18.51 1.61 -1.37
C PHE A 409 -19.62 0.70 -1.90
N SER A 410 -19.89 -0.41 -1.21
CA SER A 410 -20.88 -1.34 -1.71
C SER A 410 -22.30 -0.78 -1.64
N GLU A 411 -22.50 0.29 -0.86
CA GLU A 411 -23.84 0.86 -0.74
C GLU A 411 -24.32 1.51 -2.03
N TRP A 412 -23.41 1.76 -2.96
CA TRP A 412 -23.77 2.37 -4.23
C TRP A 412 -23.91 1.35 -5.36
N GLY A 413 -24.18 0.09 -5.02
CA GLY A 413 -24.60 -0.91 -5.99
C GLY A 413 -23.50 -1.83 -6.49
N ASN A 414 -22.25 -1.58 -6.11
CA ASN A 414 -21.15 -2.35 -6.67
C ASN A 414 -20.85 -3.60 -5.85
N ASN A 415 -20.43 -4.64 -6.56
CA ASN A 415 -20.02 -5.88 -5.92
C ASN A 415 -18.68 -5.69 -5.21
N ALA A 416 -18.63 -6.11 -3.95
CA ALA A 416 -17.42 -6.04 -3.13
C ALA A 416 -17.24 -7.39 -2.47
N PHE A 417 -15.97 -7.75 -2.29
CA PHE A 417 -15.56 -9.00 -1.66
C PHE A 417 -14.53 -8.69 -0.58
N PHE A 418 -14.75 -9.21 0.63
CA PHE A 418 -13.90 -8.90 1.77
C PHE A 418 -13.28 -10.18 2.30
N TYR A 419 -11.97 -10.13 2.58
CA TYR A 419 -11.26 -11.29 3.12
C TYR A 419 -10.63 -10.93 4.47
N TYR A 420 -10.42 -11.97 5.26
CA TYR A 420 -9.71 -11.91 6.54
C TYR A 420 -8.58 -12.94 6.47
N PHE A 421 -7.35 -12.46 6.26
CA PHE A 421 -6.19 -13.34 6.10
C PHE A 421 -5.66 -13.73 7.48
N GLU A 422 -5.60 -15.04 7.76
CA GLU A 422 -5.23 -15.44 9.12
C GLU A 422 -4.21 -16.57 9.14
N HIS A 423 -3.32 -16.62 8.16
CA HIS A 423 -2.25 -17.60 8.17
C HIS A 423 -0.92 -16.91 8.43
N ARG A 424 -0.21 -17.37 9.46
CA ARG A 424 1.14 -16.88 9.76
C ARG A 424 2.16 -17.70 8.97
N SER A 425 2.92 -17.05 8.10
CA SER A 425 3.90 -17.74 7.28
C SER A 425 4.89 -18.55 8.13
N SER A 426 5.17 -19.79 7.69
CA SER A 426 6.04 -20.67 8.43
C SER A 426 7.47 -20.17 8.49
N LYS A 427 7.85 -19.24 7.62
CA LYS A 427 9.21 -18.72 7.60
C LYS A 427 9.33 -17.35 8.29
N LEU A 428 8.25 -16.81 8.85
CA LEU A 428 8.24 -15.47 9.43
C LEU A 428 9.38 -15.28 10.41
N PRO A 429 10.27 -14.31 10.20
CA PRO A 429 11.41 -14.13 11.11
C PRO A 429 11.04 -13.36 12.38
N TRP A 430 9.89 -12.70 12.42
CA TRP A 430 9.42 -12.01 13.60
C TRP A 430 8.87 -13.01 14.63
N PRO A 431 8.82 -12.65 15.91
CA PRO A 431 8.42 -13.62 16.94
C PRO A 431 6.94 -13.97 16.88
N GLU A 432 6.62 -15.05 17.60
CA GLU A 432 5.30 -15.67 17.52
C GLU A 432 4.20 -14.78 18.08
N TRP A 433 4.49 -13.97 19.12
CA TRP A 433 3.42 -13.16 19.70
C TRP A 433 2.87 -12.15 18.70
N MET A 434 3.58 -11.86 17.61
CA MET A 434 3.09 -10.91 16.64
C MET A 434 2.11 -11.52 15.65
N GLY A 435 1.97 -12.84 15.61
CA GLY A 435 0.87 -13.44 14.87
C GLY A 435 0.94 -13.21 13.36
N VAL A 436 -0.20 -12.88 12.78
CA VAL A 436 -0.35 -12.79 11.31
C VAL A 436 -0.11 -11.33 10.94
N MET A 437 1.16 -10.96 10.79
CA MET A 437 1.46 -9.53 10.74
C MET A 437 1.03 -8.85 9.46
N HIS A 438 0.92 -7.54 9.59
CA HIS A 438 0.84 -6.60 8.47
C HIS A 438 1.96 -6.87 7.49
N GLY A 439 1.59 -6.95 6.21
CA GLY A 439 2.53 -7.12 5.12
C GLY A 439 2.82 -8.55 4.71
N TYR A 440 2.43 -9.53 5.50
CA TYR A 440 2.90 -10.88 5.23
C TYR A 440 1.83 -11.75 4.57
N GLU A 441 0.82 -11.12 3.96
CA GLU A 441 0.01 -11.79 2.95
C GLU A 441 0.57 -11.57 1.55
N ILE A 442 1.44 -10.57 1.38
CA ILE A 442 1.89 -10.16 0.05
C ILE A 442 2.56 -11.32 -0.67
N GLU A 443 3.47 -12.02 0.02
CA GLU A 443 4.20 -13.09 -0.62
C GLU A 443 3.26 -14.22 -1.07
N PHE A 444 2.12 -14.40 -0.41
CA PHE A 444 1.15 -15.40 -0.86
C PHE A 444 0.40 -14.92 -2.10
N VAL A 445 0.07 -13.64 -2.14
CA VAL A 445 -0.58 -13.03 -3.32
C VAL A 445 0.31 -13.13 -4.55
N PHE A 446 1.63 -12.94 -4.36
CA PHE A 446 2.57 -12.98 -5.49
C PHE A 446 3.06 -14.39 -5.78
N GLY A 447 2.67 -15.36 -4.97
CA GLY A 447 2.92 -16.76 -5.30
C GLY A 447 4.32 -17.25 -5.01
N LEU A 448 5.06 -16.57 -4.13
CA LEU A 448 6.37 -17.09 -3.74
C LEU A 448 6.30 -18.52 -3.19
N PRO A 449 5.32 -18.89 -2.35
CA PRO A 449 5.28 -20.29 -1.86
C PRO A 449 5.01 -21.30 -2.95
N LEU A 450 4.67 -20.89 -4.17
CA LEU A 450 4.62 -21.84 -5.29
C LEU A 450 6.02 -22.37 -5.64
N GLU A 451 7.07 -21.62 -5.33
CA GLU A 451 8.44 -22.07 -5.55
C GLU A 451 8.79 -23.08 -4.45
N ARG A 452 8.82 -24.36 -4.81
CA ARG A 452 9.03 -25.42 -3.85
C ARG A 452 10.42 -25.42 -3.23
N ARG A 453 11.35 -24.63 -3.76
CA ARG A 453 12.70 -24.55 -3.22
C ARG A 453 12.83 -23.57 -2.06
N ASP A 454 11.73 -22.98 -1.57
CA ASP A 454 11.79 -21.82 -0.68
C ASP A 454 11.38 -22.14 0.76
N GLN A 455 11.36 -23.41 1.15
CA GLN A 455 11.09 -23.85 2.53
C GLN A 455 9.71 -23.41 3.04
N TYR A 456 8.75 -23.17 2.15
CA TYR A 456 7.36 -23.07 2.61
C TYR A 456 6.76 -24.48 2.74
N THR A 457 5.73 -24.61 3.57
CA THR A 457 5.14 -25.93 3.69
C THR A 457 4.25 -26.24 2.48
N LYS A 458 3.79 -27.50 2.43
CA LYS A 458 2.87 -27.92 1.39
C LYS A 458 1.55 -27.16 1.49
N ALA A 459 1.00 -27.06 2.71
CA ALA A 459 -0.24 -26.34 2.88
C ALA A 459 -0.12 -24.89 2.42
N GLU A 460 1.08 -24.32 2.52
CA GLU A 460 1.26 -22.93 2.11
C GLU A 460 1.32 -22.79 0.60
N GLU A 461 1.90 -23.79 -0.09
CA GLU A 461 1.84 -23.78 -1.54
C GLU A 461 0.39 -23.85 -2.01
N ILE A 462 -0.41 -24.73 -1.38
CA ILE A 462 -1.83 -24.84 -1.72
C ILE A 462 -2.53 -23.50 -1.50
N LEU A 463 -2.33 -22.90 -0.33
CA LEU A 463 -3.01 -21.65 -0.01
C LEU A 463 -2.61 -20.55 -0.99
N SER A 464 -1.32 -20.44 -1.30
CA SER A 464 -0.89 -19.44 -2.26
C SER A 464 -1.51 -19.71 -3.63
N ARG A 465 -1.58 -20.98 -4.02
CA ARG A 465 -2.19 -21.35 -5.31
C ARG A 465 -3.63 -20.92 -5.37
N SER A 466 -4.39 -21.17 -4.30
CA SER A 466 -5.79 -20.73 -4.26
C SER A 466 -5.90 -19.20 -4.31
N ILE A 467 -5.08 -18.49 -3.52
CA ILE A 467 -5.15 -17.03 -3.47
C ILE A 467 -4.79 -16.42 -4.82
N VAL A 468 -3.76 -16.94 -5.47
CA VAL A 468 -3.35 -16.46 -6.79
C VAL A 468 -4.48 -16.64 -7.81
N LYS A 469 -5.16 -17.79 -7.78
CA LYS A 469 -6.26 -18.02 -8.72
C LYS A 469 -7.43 -17.07 -8.44
N ARG A 470 -7.74 -16.85 -7.16
CA ARG A 470 -8.84 -15.95 -6.82
C ARG A 470 -8.54 -14.53 -7.27
N TRP A 471 -7.32 -14.04 -7.00
CA TRP A 471 -6.93 -12.70 -7.41
C TRP A 471 -6.96 -12.55 -8.93
N ALA A 472 -6.49 -13.57 -9.66
CA ALA A 472 -6.49 -13.46 -11.12
C ALA A 472 -7.90 -13.57 -11.68
N ASN A 473 -8.74 -14.40 -11.07
CA ASN A 473 -10.14 -14.46 -11.50
C ASN A 473 -10.87 -13.15 -11.20
N PHE A 474 -10.56 -12.51 -10.07
CA PHE A 474 -11.14 -11.19 -9.83
C PHE A 474 -10.71 -10.20 -10.90
N ALA A 475 -9.42 -10.15 -11.20
CA ALA A 475 -8.94 -9.24 -12.23
C ALA A 475 -9.53 -9.53 -13.61
N LYS A 476 -9.56 -10.79 -14.03
CA LYS A 476 -10.07 -11.10 -15.36
C LYS A 476 -11.58 -10.97 -15.42
N TYR A 477 -12.28 -11.44 -14.37
CA TYR A 477 -13.73 -11.65 -14.45
C TYR A 477 -14.55 -10.92 -13.40
N GLY A 478 -13.92 -10.19 -12.48
CA GLY A 478 -14.66 -9.51 -11.42
C GLY A 478 -15.24 -10.39 -10.34
N ASN A 479 -14.75 -11.63 -10.21
CA ASN A 479 -15.35 -12.60 -9.31
C ASN A 479 -14.27 -13.51 -8.73
N PRO A 480 -13.88 -13.33 -7.42
CA PRO A 480 -12.68 -13.99 -6.88
C PRO A 480 -12.90 -15.44 -6.45
N GLN A 481 -13.45 -16.24 -7.35
CA GLN A 481 -13.73 -17.62 -7.03
C GLN A 481 -12.58 -18.50 -7.47
N GLU A 482 -12.47 -19.65 -6.83
CA GLU A 482 -11.64 -20.76 -7.31
C GLU A 482 -12.66 -21.83 -7.64
N THR A 483 -12.95 -22.00 -8.93
CA THR A 483 -14.12 -22.77 -9.34
C THR A 483 -13.85 -24.25 -9.57
N GLN A 484 -12.59 -24.66 -9.66
CA GLN A 484 -12.30 -26.03 -10.09
C GLN A 484 -12.14 -27.00 -8.93
N ASN A 485 -11.43 -26.60 -7.89
CA ASN A 485 -11.11 -27.50 -6.78
C ASN A 485 -12.12 -27.39 -5.65
N GLN A 486 -13.40 -27.19 -6.01
CA GLN A 486 -14.52 -27.18 -5.07
C GLN A 486 -14.26 -26.27 -3.86
N SER A 487 -13.67 -25.12 -4.11
CA SER A 487 -13.39 -24.19 -3.03
C SER A 487 -14.69 -23.62 -2.47
N THR A 488 -14.59 -23.07 -1.25
CA THR A 488 -15.70 -22.32 -0.68
C THR A 488 -16.03 -21.15 -1.60
N SER A 489 -17.32 -20.94 -1.83
CA SER A 489 -17.75 -19.76 -2.60
C SER A 489 -17.54 -18.49 -1.79
N TRP A 490 -16.94 -17.48 -2.42
CA TRP A 490 -16.72 -16.19 -1.78
C TRP A 490 -17.94 -15.31 -2.03
N PRO A 491 -18.79 -15.05 -1.04
CA PRO A 491 -20.00 -14.24 -1.27
C PRO A 491 -19.66 -12.76 -1.40
N VAL A 492 -20.58 -12.01 -2.01
CA VAL A 492 -20.37 -10.58 -2.07
C VAL A 492 -20.61 -10.01 -0.68
N PHE A 493 -19.84 -8.99 -0.35
CA PHE A 493 -20.02 -8.26 0.91
C PHE A 493 -21.17 -7.27 0.73
N LYS A 494 -22.24 -7.47 1.48
CA LYS A 494 -23.38 -6.57 1.47
C LYS A 494 -23.39 -5.81 2.79
N SER A 495 -23.97 -4.62 2.78
CA SER A 495 -23.96 -3.79 3.99
C SER A 495 -24.87 -4.35 5.09
N THR A 496 -25.87 -5.15 4.72
CA THR A 496 -26.70 -5.82 5.71
C THR A 496 -25.93 -6.96 6.38
N GLU A 497 -25.60 -7.99 5.60
CA GLU A 497 -25.07 -9.23 6.16
C GLU A 497 -23.56 -9.18 6.41
N GLN A 498 -22.82 -8.42 5.61
CA GLN A 498 -21.41 -8.19 5.82
C GLN A 498 -20.65 -9.51 5.96
N LYS A 499 -20.91 -10.41 5.01
CA LYS A 499 -20.18 -11.66 4.93
C LYS A 499 -18.78 -11.41 4.41
N TYR A 500 -17.82 -12.18 4.93
CA TYR A 500 -16.44 -12.11 4.47
C TYR A 500 -15.87 -13.53 4.47
N LEU A 501 -14.77 -13.70 3.74
CA LEU A 501 -14.11 -14.99 3.59
C LEU A 501 -12.80 -15.03 4.39
N THR A 502 -12.58 -16.10 5.15
CA THR A 502 -11.30 -16.26 5.85
C THR A 502 -10.35 -17.08 4.99
N LEU A 503 -9.10 -16.61 4.92
CA LEU A 503 -8.06 -17.26 4.12
C LEU A 503 -7.07 -17.88 5.08
N ASN A 504 -6.93 -19.20 5.02
CA ASN A 504 -5.98 -19.94 5.84
C ASN A 504 -5.82 -21.35 5.27
N THR A 505 -4.89 -22.11 5.85
CA THR A 505 -4.55 -23.43 5.34
C THR A 505 -5.50 -24.52 5.81
N GLU A 506 -6.35 -24.26 6.80
CA GLU A 506 -7.29 -25.24 7.34
C GLU A 506 -8.72 -24.72 7.13
N SER A 507 -9.23 -24.87 5.90
CA SER A 507 -10.61 -24.55 5.54
C SER A 507 -10.91 -23.05 5.53
N THR A 508 -11.22 -22.53 4.34
CA THR A 508 -11.78 -21.20 4.23
C THR A 508 -13.21 -21.20 4.77
N ARG A 509 -13.58 -20.15 5.49
CA ARG A 509 -14.89 -20.07 6.13
C ARG A 509 -15.58 -18.78 5.76
N ILE A 510 -16.90 -18.84 5.66
CA ILE A 510 -17.73 -17.65 5.52
C ILE A 510 -18.15 -17.21 6.92
N MET A 511 -17.85 -15.96 7.23
CA MET A 511 -18.12 -15.34 8.52
C MET A 511 -18.83 -14.02 8.28
N THR A 512 -19.43 -13.47 9.34
CA THR A 512 -20.20 -12.23 9.25
C THR A 512 -19.72 -11.21 10.28
N LYS A 513 -19.72 -9.93 9.87
CA LYS A 513 -19.64 -8.79 10.77
C LYS A 513 -18.33 -8.80 11.56
N LEU A 514 -17.23 -8.74 10.81
CA LEU A 514 -15.90 -8.75 11.39
C LEU A 514 -15.74 -7.63 12.41
N ARG A 515 -15.35 -7.98 13.64
CA ARG A 515 -15.00 -7.02 14.70
C ARG A 515 -16.11 -6.01 14.94
N ALA A 516 -17.37 -6.46 14.86
CA ALA A 516 -18.51 -5.56 14.94
C ALA A 516 -18.44 -4.66 16.17
N GLN A 517 -18.16 -5.23 17.34
CA GLN A 517 -18.18 -4.43 18.57
C GLN A 517 -17.02 -3.44 18.61
N GLN A 518 -15.82 -3.87 18.23
CA GLN A 518 -14.68 -2.96 18.23
C GLN A 518 -14.89 -1.82 17.25
N CYS A 519 -15.38 -2.13 16.05
CA CYS A 519 -15.50 -1.10 15.04
C CYS A 519 -16.65 -0.14 15.32
N ARG A 520 -17.64 -0.58 16.09
CA ARG A 520 -18.65 0.37 16.55
C ARG A 520 -18.02 1.44 17.43
N PHE A 521 -17.06 1.04 18.26
CA PHE A 521 -16.32 2.03 19.06
C PHE A 521 -15.54 2.99 18.16
N TRP A 522 -14.74 2.44 17.23
CA TRP A 522 -13.82 3.29 16.46
C TRP A 522 -14.55 4.18 15.45
N THR A 523 -15.63 3.67 14.85
CA THR A 523 -16.28 4.42 13.78
C THR A 523 -17.37 5.35 14.29
N SER A 524 -18.11 4.93 15.31
CA SER A 524 -19.16 5.77 15.89
C SER A 524 -18.58 6.71 16.95
N PHE A 525 -18.14 6.14 18.06
CA PHE A 525 -17.66 6.95 19.18
C PHE A 525 -16.41 7.76 18.82
N PHE A 526 -15.29 7.07 18.57
CA PHE A 526 -13.98 7.71 18.70
C PHE A 526 -13.79 8.98 17.86
N PRO A 527 -14.27 9.09 16.62
CA PRO A 527 -14.10 10.36 15.89
C PRO A 527 -14.74 11.57 16.57
N LYS A 528 -15.63 11.38 17.54
CA LYS A 528 -16.17 12.53 18.25
C LYS A 528 -15.15 13.12 19.22
N VAL A 529 -14.24 12.31 19.76
CA VAL A 529 -13.32 12.78 20.80
C VAL A 529 -12.29 13.76 20.20
C1 NAG B . 21.88 -2.66 -24.80
C2 NAG B . 23.27 -2.04 -24.76
C3 NAG B . 24.09 -2.50 -25.96
C4 NAG B . 24.11 -4.01 -26.06
C5 NAG B . 22.68 -4.55 -26.07
C6 NAG B . 22.63 -6.06 -26.02
C7 NAG B . 23.34 0.12 -23.59
C8 NAG B . 23.24 1.60 -23.73
N2 NAG B . 23.20 -0.59 -24.71
O3 NAG B . 25.43 -2.03 -25.83
O4 NAG B . 24.81 -4.45 -27.22
O5 NAG B . 21.98 -4.08 -24.91
O6 NAG B . 23.57 -6.54 -25.06
O7 NAG B . 23.54 -0.43 -22.50
C1 FUC B . 23.21 -7.88 -24.66
C2 FUC B . 23.90 -8.82 -25.67
C3 FUC B . 23.65 -10.31 -25.34
C4 FUC B . 23.52 -10.56 -23.80
C5 FUC B . 24.18 -9.43 -22.99
C6 FUC B . 24.03 -9.59 -21.47
O2 FUC B . 25.29 -8.54 -25.85
O3 FUC B . 22.44 -10.76 -25.96
O4 FUC B . 22.14 -10.70 -23.44
O5 FUC B . 23.63 -8.11 -23.31
C1 NAG C . -9.22 -7.27 -26.35
C2 NAG C . -9.59 -7.06 -27.83
C3 NAG C . -10.63 -5.95 -27.98
C4 NAG C . -11.84 -6.22 -27.09
C5 NAG C . -11.37 -6.34 -25.65
C6 NAG C . -12.47 -6.64 -24.65
C7 NAG C . -7.64 -7.76 -29.15
C8 NAG C . -6.48 -7.30 -29.97
N2 NAG C . -8.42 -6.79 -28.64
O3 NAG C . -11.05 -5.83 -29.34
O4 NAG C . -12.81 -5.19 -27.26
O5 NAG C . -10.43 -7.43 -25.56
O6 NAG C . -12.00 -6.72 -23.30
O7 NAG C . -7.87 -8.95 -28.95
C1 FUC C . -13.06 -7.24 -22.43
C2 FUC C . -12.53 -7.91 -21.05
C3 FUC C . -12.18 -6.86 -19.93
C4 FUC C . -13.28 -5.80 -19.77
C5 FUC C . -13.70 -5.21 -21.16
C6 FUC C . -14.91 -4.28 -21.09
O2 FUC C . -11.49 -8.87 -21.21
O3 FUC C . -11.99 -7.48 -18.63
O4 FUC C . -14.41 -6.34 -19.06
O5 FUC C . -14.04 -6.23 -22.14
C1 NAG D . 11.49 -7.27 26.57
C2 NAG D . 11.27 -7.14 28.09
C3 NAG D . 11.13 -5.68 28.50
C4 NAG D . 12.24 -4.81 27.90
C5 NAG D . 12.31 -5.06 26.41
C6 NAG D . 13.41 -4.29 25.73
C7 NAG D . 10.13 -9.10 29.03
C8 NAG D . 8.79 -9.74 29.32
N2 NAG D . 10.09 -7.90 28.46
O3 NAG D . 11.14 -5.60 29.91
O4 NAG D . 11.95 -3.44 28.12
O5 NAG D . 12.56 -6.45 26.17
O6 NAG D . 14.62 -4.37 26.46
O7 NAG D . 11.19 -9.65 29.33
C1 NAG D . 12.67 -2.79 29.17
C2 NAG D . 12.60 -1.28 28.95
C3 NAG D . 13.26 -0.54 30.10
C4 NAG D . 12.66 -0.96 31.43
C5 NAG D . 12.74 -2.49 31.57
C6 NAG D . 12.02 -3.00 32.80
C7 NAG D . 12.50 -0.55 26.60
C8 NAG D . 11.01 -0.60 26.73
N2 NAG D . 13.20 -0.90 27.68
O3 NAG D . 13.08 0.86 29.92
O4 NAG D . 13.38 -0.35 32.50
O5 NAG D . 12.12 -3.12 30.45
O6 NAG D . 10.64 -3.20 32.55
O7 NAG D . 13.04 -0.23 25.55
C1 FUC D . 15.75 -4.52 25.58
C2 FUC D . 17.00 -4.44 26.47
C3 FUC D . 17.13 -5.71 27.33
C4 FUC D . 17.08 -6.99 26.46
C5 FUC D . 15.79 -6.95 25.60
C6 FUC D . 15.65 -8.12 24.61
O2 FUC D . 16.99 -3.29 27.29
O3 FUC D . 18.38 -5.69 28.02
O4 FUC D . 18.24 -7.08 25.64
O5 FUC D . 15.70 -5.74 24.84
C1 NAG E . -6.26 -27.83 -7.89
C2 NAG E . -5.17 -26.76 -7.92
C3 NAG E . -3.98 -27.24 -8.75
C4 NAG E . -3.48 -28.58 -8.26
C5 NAG E . -4.62 -29.59 -8.27
C6 NAG E . -4.20 -30.92 -7.70
C7 NAG E . -5.93 -24.42 -7.68
C8 NAG E . -6.44 -23.21 -8.42
N2 NAG E . -5.69 -25.51 -8.43
O3 NAG E . -2.93 -26.28 -8.71
O4 NAG E . -2.43 -29.07 -9.09
O5 NAG E . -5.70 -29.11 -7.45
O6 NAG E . -5.25 -31.52 -6.94
O7 NAG E . -5.76 -24.41 -6.47
C1 FUC E . -5.80 -32.60 -7.71
C2 FUC E . -6.43 -33.56 -6.70
C3 FUC E . -7.69 -32.93 -6.09
C4 FUC E . -8.67 -32.51 -7.19
C5 FUC E . -7.98 -31.56 -8.17
C6 FUC E . -8.85 -31.24 -9.38
O2 FUC E . -5.51 -33.90 -5.68
O3 FUC E . -8.34 -33.89 -5.27
O4 FUC E . -9.14 -33.66 -7.90
O5 FUC E . -6.74 -32.12 -8.67
S SO4 F . -21.39 -5.09 -10.14
O1 SO4 F . -20.33 -4.54 -9.28
O2 SO4 F . -21.17 -4.72 -11.52
O3 SO4 F . -22.69 -4.58 -9.74
O4 SO4 F . -21.40 -6.55 -10.05
S SO4 G . -5.57 3.82 36.57
O1 SO4 G . -4.67 2.77 36.09
O2 SO4 G . -4.80 5.04 36.83
O3 SO4 G . -6.58 4.10 35.55
O4 SO4 G . -6.22 3.36 37.79
S SO4 H . -11.55 -24.51 0.62
O1 SO4 H . -10.13 -24.20 0.84
O2 SO4 H . -12.20 -23.41 -0.11
O3 SO4 H . -12.24 -24.70 1.90
O4 SO4 H . -11.64 -25.75 -0.16
CL CL I . -3.62 -25.43 -12.54
CL CL J . -24.75 -12.64 11.67
CL CL K . -6.54 -23.40 0.56
CL CL L . 15.69 25.84 -9.52
CL CL M . 16.54 -8.83 -2.44
CL CL N . -14.77 -10.58 15.30
CL CL O . -9.55 -12.93 15.58
NA NA P . -11.95 -12.02 15.47
C10 M8X Q . 6.08 -3.29 7.28
C13 M8X Q . 8.84 3.38 10.72
C17 M8X Q . 8.94 6.37 12.82
C20 M8X Q . 8.99 4.51 14.35
C21 M8X Q . 8.94 3.59 13.33
C22 M8X Q . 8.90 4.02 12.00
C01 M8X Q . 6.35 2.27 9.99
C03 M8X Q . 7.28 0.13 9.35
C04 M8X Q . 8.06 -1.12 9.77
C05 M8X Q . 7.25 -2.44 9.51
C06 M8X Q . 8.24 -3.60 9.19
C07 M8X Q . 7.64 -5.05 9.22
C08 M8X Q . 6.12 -5.13 9.10
C09 M8X Q . 5.60 -4.67 7.73
C11 M8X Q . 6.19 -2.23 8.38
C12 M8X Q . 8.82 1.90 10.38
C14 M8X Q . 8.82 4.39 9.75
C16 M8X Q . 8.89 5.43 11.76
C19 M8X Q . 8.99 5.90 14.12
N02 M8X Q . 7.39 1.27 10.37
N15 M8X Q . 8.84 5.63 10.38
O18 M8X Q . 8.93 7.70 12.52
C1 NAG R . 7.08 35.27 -5.83
C2 NAG R . 6.38 36.62 -6.21
C3 NAG R . 6.82 37.23 -7.56
C4 NAG R . 6.97 36.20 -8.67
C5 NAG R . 7.86 35.04 -8.25
C6 NAG R . 9.30 35.42 -8.01
C7 NAG R . 4.25 36.99 -5.05
C8 NAG R . 2.76 36.80 -5.08
N2 NAG R . 4.93 36.53 -6.11
O3 NAG R . 8.00 38.02 -7.40
O4 NAG R . 5.70 35.71 -9.07
O5 NAG R . 7.35 34.45 -7.06
O6 NAG R . 10.15 34.91 -9.01
O7 NAG R . 4.83 37.54 -4.11
C1 NAG S . 3.66 23.75 13.28
C2 NAG S . 4.12 25.21 13.47
C3 NAG S . 4.81 25.38 14.81
C4 NAG S . 3.94 24.86 15.95
C5 NAG S . 3.49 23.43 15.67
C6 NAG S . 2.50 22.90 16.69
C7 NAG S . 5.08 26.88 11.95
C8 NAG S . 6.06 27.12 10.85
N2 NAG S . 5.00 25.61 12.38
O3 NAG S . 5.10 26.76 15.03
O4 NAG S . 4.67 24.87 17.17
O5 NAG S . 2.82 23.37 14.40
O6 NAG S . 1.52 23.89 17.02
O7 NAG S . 4.40 27.78 12.43
C1 GOL T . 13.76 -12.22 -11.73
O1 GOL T . 13.33 -12.98 -10.65
C2 GOL T . 13.86 -10.77 -11.24
O2 GOL T . 15.05 -10.15 -11.68
C3 GOL T . 12.52 -10.05 -11.74
O3 GOL T . 11.55 -11.06 -12.04
C1 GOL U . 8.36 -15.01 5.90
O1 GOL U . 7.54 -15.50 4.89
C2 GOL U . 9.75 -14.75 5.29
O2 GOL U . 10.10 -15.65 4.25
C3 GOL U . 9.72 -13.27 4.86
O3 GOL U . 8.76 -13.16 3.89
C1 GOL V . 8.04 20.54 15.18
O1 GOL V . 9.27 20.26 15.77
C2 GOL V . 8.03 22.06 14.82
O2 GOL V . 7.62 22.88 15.87
C3 GOL V . 9.46 22.38 14.31
O3 GOL V . 9.42 23.69 13.84
C1 GOL W . 0.48 11.96 11.52
O1 GOL W . 1.76 11.64 11.96
C2 GOL W . 0.27 11.24 10.17
O2 GOL W . -0.04 9.88 10.32
C3 GOL W . -0.86 12.05 9.44
O3 GOL W . -0.78 11.73 8.07
#